data_6G9P
#
_entry.id   6G9P
#
_cell.length_a   125.190
_cell.length_b   182.064
_cell.length_c   75.362
_cell.angle_alpha   90.00
_cell.angle_beta   90.00
_cell.angle_gamma   90.00
#
_symmetry.space_group_name_H-M   'C 2 2 21'
#
loop_
_entity.id
_entity.type
_entity.pdbx_description
1 polymer 'Peptidoglycan D,D-transpeptidase MrdA'
2 water water
#
_entity_poly.entity_id   1
_entity_poly.type   'polypeptide(L)'
_entity_poly.pdbx_seq_one_letter_code
;TRSNENRIKLVPIAPSRGIIYDRNGIPLALNRTIYQIEMMPEKVDNVQQTLDALRSVVDLTDDDIAAFRKERARSHRFTS
IPVKTNLTEVQVARFAVNQYRFPGVEVKGYKRRYYPYGSALTHVIGYVSKINDKDVERLNNDGKLANYAATHDIGKLGIE
RYYEDVLHGQTGYEEVEVNNRGRVIRQLKEVPPQAGHDIYLTLDLKLQQYIETLLAGSRAAVVVTDPRTGGVLALVSTPS
YDPNLFVDGISSKDYSALLNDPNTPLVNRATQGVYPPASTVKPYVAVSALSAGVITRNTTLFDPGWWQLPGSEKRYRDWK
KWGHGRLNVTRSLEESADTFFYQVAYDMGIDRLSEWMGKFGYGHYTGIDLAEERSGNMPTREWKQKRFKKPWYQGDTIPV
GIGQGYWTATPIQMSKALMILINDGIVKVPHLLMSTAEDGKQVPWVQPHEPPVGDIHSGYWELAKDGMYGVANRPNGTAH
KYFASAPYKIAAKSGTAQVFGLKANETYNAHKIAERLRDHKLMTAFAPYNNPQVAVAMILENGGAGPAVGTLMRQILDHI
MLGDNNTDLPAENPAVAAAEDH
;
_entity_poly.pdbx_strand_id   A
#
# COMPACT_ATOMS: atom_id res chain seq x y z
N ASN A 6 -1.62 39.45 36.05
CA ASN A 6 -2.10 38.24 35.39
C ASN A 6 -1.32 37.94 34.10
N ARG A 7 -0.83 36.70 33.99
CA ARG A 7 0.01 36.31 32.87
C ARG A 7 -0.82 36.03 31.62
N ILE A 8 -0.29 36.44 30.48
CA ILE A 8 -0.80 36.03 29.18
C ILE A 8 0.10 34.93 28.65
N LYS A 9 -0.51 33.86 28.18
CA LYS A 9 0.17 32.64 27.76
C LYS A 9 -0.18 32.38 26.31
N LEU A 10 0.77 31.90 25.53
CA LEU A 10 0.46 31.43 24.18
C LEU A 10 0.27 29.92 24.19
N VAL A 11 -0.77 29.46 23.50
CA VAL A 11 -1.13 28.04 23.54
C VAL A 11 -1.38 27.58 22.10
N PRO A 12 -0.74 26.50 21.64
CA PRO A 12 -0.96 26.06 20.26
C PRO A 12 -2.32 25.42 20.10
N ILE A 13 -2.85 25.49 18.88
CA ILE A 13 -4.14 24.90 18.51
C ILE A 13 -3.88 23.91 17.38
N ALA A 14 -4.26 22.66 17.58
CA ALA A 14 -3.97 21.62 16.61
C ALA A 14 -4.86 21.79 15.40
N PRO A 15 -4.31 21.61 14.20
CA PRO A 15 -5.14 21.70 12.99
C PRO A 15 -5.99 20.46 12.81
N SER A 16 -7.03 20.62 12.01
CA SER A 16 -7.92 19.52 11.68
C SER A 16 -7.28 18.68 10.57
N ARG A 17 -7.23 17.36 10.76
CA ARG A 17 -6.53 16.51 9.80
C ARG A 17 -7.36 16.40 8.52
N GLY A 18 -6.68 16.47 7.36
CA GLY A 18 -7.37 16.45 6.09
C GLY A 18 -8.18 15.19 5.87
N ILE A 19 -9.19 15.29 5.00
CA ILE A 19 -10.00 14.14 4.68
C ILE A 19 -9.42 13.41 3.47
N ILE A 20 -9.57 12.08 3.44
CA ILE A 20 -9.13 11.25 2.33
C ILE A 20 -10.36 10.72 1.62
N TYR A 21 -10.46 11.02 0.32
CA TYR A 21 -11.61 10.64 -0.49
C TYR A 21 -11.22 9.64 -1.58
N ASP A 22 -12.11 8.70 -1.87
CA ASP A 22 -11.88 7.83 -3.02
C ASP A 22 -12.17 8.60 -4.30
N ARG A 23 -12.07 7.89 -5.42
CA ARG A 23 -12.21 8.55 -6.72
C ARG A 23 -13.63 9.03 -6.98
N ASN A 24 -14.62 8.55 -6.21
CA ASN A 24 -16.00 9.01 -6.31
C ASN A 24 -16.39 9.95 -5.18
N GLY A 25 -15.42 10.57 -4.52
CA GLY A 25 -15.74 11.48 -3.42
C GLY A 25 -16.21 10.82 -2.15
N ILE A 26 -16.20 9.50 -2.09
CA ILE A 26 -16.58 8.84 -0.82
C ILE A 26 -15.45 9.04 0.18
N PRO A 27 -15.73 9.59 1.39
CA PRO A 27 -14.64 9.80 2.36
C PRO A 27 -14.23 8.48 2.99
N LEU A 28 -12.93 8.23 3.05
CA LEU A 28 -12.39 6.97 3.54
C LEU A 28 -11.79 7.09 4.92
N ALA A 29 -11.33 8.28 5.28
CA ALA A 29 -10.79 8.53 6.60
C ALA A 29 -11.38 9.86 7.07
N LEU A 30 -11.95 9.84 8.28
CA LEU A 30 -12.74 10.94 8.80
C LEU A 30 -12.31 11.24 10.23
N ASN A 31 -12.80 12.36 10.74
CA ASN A 31 -12.46 12.83 12.07
C ASN A 31 -13.71 12.83 12.95
N ARG A 32 -13.61 12.19 14.11
CA ARG A 32 -14.63 12.20 15.15
C ARG A 32 -14.13 13.04 16.32
N THR A 33 -15.01 13.76 17.00
CA THR A 33 -14.59 14.46 18.20
C THR A 33 -14.87 13.59 19.41
N ILE A 34 -13.84 13.40 20.22
CA ILE A 34 -13.94 12.67 21.48
C ILE A 34 -13.81 13.69 22.59
N TYR A 35 -14.73 13.64 23.56
CA TYR A 35 -14.74 14.58 24.66
C TYR A 35 -14.26 13.90 25.94
N GLN A 36 -13.46 14.62 26.70
CA GLN A 36 -13.07 14.14 28.02
C GLN A 36 -12.91 15.32 28.97
N ILE A 37 -13.08 15.05 30.24
CA ILE A 37 -12.71 16.02 31.24
C ILE A 37 -11.35 15.62 31.82
N GLU A 38 -10.58 16.63 32.20
CA GLU A 38 -9.24 16.40 32.68
C GLU A 38 -8.91 17.52 33.66
N MET A 39 -7.87 17.30 34.47
CA MET A 39 -7.48 18.28 35.47
C MET A 39 -5.99 18.14 35.72
N MET A 40 -5.37 19.26 36.08
CA MET A 40 -4.07 19.20 36.72
C MET A 40 -4.32 19.18 38.21
N PRO A 41 -4.05 18.07 38.91
CA PRO A 41 -4.44 17.99 40.32
C PRO A 41 -3.86 19.14 41.15
N GLU A 42 -2.65 19.58 40.82
CA GLU A 42 -2.09 20.77 41.46
C GLU A 42 -3.03 21.96 41.36
N LYS A 43 -3.57 22.22 40.17
CA LYS A 43 -4.46 23.36 39.94
C LYS A 43 -5.84 23.19 40.58
N VAL A 44 -6.17 22.01 41.09
CA VAL A 44 -7.47 21.78 41.72
C VAL A 44 -7.31 21.94 43.22
N ASP A 45 -8.14 22.80 43.82
CA ASP A 45 -8.06 23.06 45.25
C ASP A 45 -8.24 21.79 46.06
N ASN A 46 -9.34 21.07 45.84
CA ASN A 46 -9.68 19.91 46.66
C ASN A 46 -10.07 18.73 45.76
N VAL A 47 -9.08 17.88 45.46
CA VAL A 47 -9.25 16.87 44.41
C VAL A 47 -10.35 15.88 44.79
N GLN A 48 -10.28 15.34 46.01
CA GLN A 48 -11.25 14.32 46.41
C GLN A 48 -12.66 14.88 46.46
N GLN A 49 -12.82 16.11 46.96
CA GLN A 49 -14.09 16.81 46.85
C GLN A 49 -14.56 16.87 45.41
N THR A 50 -13.66 17.25 44.50
CA THR A 50 -14.02 17.39 43.09
C THR A 50 -14.41 16.06 42.47
N LEU A 51 -13.64 15.00 42.75
CA LEU A 51 -13.94 13.69 42.17
C LEU A 51 -15.32 13.21 42.58
N ASP A 52 -15.66 13.40 43.85
CA ASP A 52 -16.93 12.86 44.36
C ASP A 52 -18.11 13.63 43.78
N ALA A 53 -18.02 14.96 43.76
CA ALA A 53 -19.06 15.75 43.12
C ALA A 53 -19.24 15.39 41.65
N LEU A 54 -18.18 14.92 40.98
CA LEU A 54 -18.33 14.56 39.57
C LEU A 54 -18.97 13.19 39.37
N ARG A 55 -19.15 12.41 40.44
CA ARG A 55 -19.92 11.18 40.31
C ARG A 55 -21.33 11.50 39.84
N SER A 56 -21.93 12.53 40.43
CA SER A 56 -23.27 12.97 40.04
C SER A 56 -23.28 13.59 38.64
N VAL A 57 -22.22 14.31 38.25
CA VAL A 57 -22.28 15.20 37.08
C VAL A 57 -21.91 14.50 35.77
N VAL A 58 -20.87 13.67 35.74
CA VAL A 58 -20.47 12.98 34.52
C VAL A 58 -20.54 11.47 34.67
N ASP A 59 -21.23 10.98 35.70
CA ASP A 59 -21.30 9.55 35.98
C ASP A 59 -19.91 8.97 36.22
N LEU A 60 -19.07 9.76 36.89
CA LEU A 60 -17.75 9.27 37.28
C LEU A 60 -17.92 8.07 38.20
N THR A 61 -17.21 7.00 37.88
CA THR A 61 -17.26 5.74 38.60
C THR A 61 -16.01 5.56 39.46
N ASP A 62 -16.10 4.62 40.42
CA ASP A 62 -14.91 4.20 41.14
C ASP A 62 -13.83 3.73 40.18
N ASP A 63 -14.23 3.03 39.12
CA ASP A 63 -13.26 2.58 38.11
C ASP A 63 -12.57 3.76 37.44
N ASP A 64 -13.35 4.80 37.10
CA ASP A 64 -12.77 6.03 36.55
C ASP A 64 -11.75 6.62 37.50
N ILE A 65 -12.09 6.70 38.79
CA ILE A 65 -11.17 7.29 39.76
C ILE A 65 -9.92 6.43 39.90
N ALA A 66 -10.09 5.11 39.90
CA ALA A 66 -8.94 4.21 39.93
C ALA A 66 -7.96 4.49 38.79
N ALA A 67 -8.47 4.55 37.56
CA ALA A 67 -7.61 4.84 36.41
C ALA A 67 -6.96 6.21 36.53
N PHE A 68 -7.73 7.21 36.96
CA PHE A 68 -7.18 8.54 37.19
C PHE A 68 -6.02 8.49 38.17
N ARG A 69 -6.23 7.85 39.33
CA ARG A 69 -5.20 7.77 40.36
C ARG A 69 -3.95 7.07 39.84
N LYS A 70 -4.14 5.93 39.18
CA LYS A 70 -3.03 5.27 38.48
C LYS A 70 -2.29 6.27 37.59
N GLU A 71 -3.02 6.88 36.65
CA GLU A 71 -2.42 7.83 35.71
C GLU A 71 -1.83 9.04 36.41
N ARG A 72 -2.29 9.38 37.61
CA ARG A 72 -1.68 10.49 38.35
C ARG A 72 -0.23 10.17 38.71
N ALA A 73 0.04 8.90 39.03
CA ALA A 73 1.41 8.50 39.36
C ALA A 73 2.26 8.34 38.11
N ARG A 74 1.79 7.55 37.14
CA ARG A 74 2.53 7.31 35.89
C ARG A 74 2.76 8.57 35.08
N SER A 75 2.51 9.74 35.67
CA SER A 75 2.63 11.01 34.98
C SER A 75 3.44 11.99 35.83
N HIS A 76 4.04 12.95 35.14
CA HIS A 76 4.92 13.93 35.75
C HIS A 76 4.12 15.06 36.39
N ARG A 77 4.81 15.88 37.17
CA ARG A 77 4.20 17.05 37.76
C ARG A 77 3.68 17.97 36.66
N PHE A 78 2.56 18.65 36.95
CA PHE A 78 1.95 19.62 36.04
C PHE A 78 1.52 18.97 34.72
N THR A 79 1.25 17.67 34.75
CA THR A 79 0.55 17.01 33.66
C THR A 79 -0.96 17.20 33.85
N SER A 80 -1.69 17.31 32.75
CA SER A 80 -3.14 17.33 32.78
C SER A 80 -3.62 15.88 32.70
N ILE A 81 -4.10 15.34 33.82
CA ILE A 81 -4.48 13.93 33.89
C ILE A 81 -5.93 13.79 33.45
N PRO A 82 -6.26 12.91 32.52
CA PRO A 82 -7.67 12.69 32.18
C PRO A 82 -8.43 12.11 33.37
N VAL A 83 -9.65 12.61 33.56
CA VAL A 83 -10.52 12.16 34.62
C VAL A 83 -11.58 11.20 34.10
N LYS A 84 -12.25 11.57 33.01
CA LYS A 84 -13.22 10.68 32.38
C LYS A 84 -13.17 10.87 30.87
N THR A 85 -13.08 9.77 30.12
CA THR A 85 -12.90 9.80 28.68
C THR A 85 -14.14 9.31 27.96
N ASN A 86 -14.17 9.56 26.64
CA ASN A 86 -15.30 9.28 25.77
C ASN A 86 -16.61 9.61 26.46
N LEU A 87 -16.72 10.85 26.91
CA LEU A 87 -17.97 11.33 27.47
C LEU A 87 -19.04 11.31 26.40
N THR A 88 -20.25 10.91 26.78
CA THR A 88 -21.38 11.15 25.91
C THR A 88 -21.70 12.64 25.88
N GLU A 89 -22.41 13.05 24.83
CA GLU A 89 -22.75 14.47 24.71
C GLU A 89 -23.72 14.89 25.79
N VAL A 90 -24.52 13.97 26.31
CA VAL A 90 -25.30 14.25 27.50
C VAL A 90 -24.36 14.61 28.65
N GLN A 91 -23.36 13.77 28.88
CA GLN A 91 -22.42 13.99 29.96
C GLN A 91 -21.65 15.30 29.78
N VAL A 92 -21.27 15.61 28.53
CA VAL A 92 -20.59 16.88 28.31
C VAL A 92 -21.50 18.03 28.69
N ALA A 93 -22.78 17.94 28.31
CA ALA A 93 -23.73 19.00 28.61
C ALA A 93 -23.92 19.18 30.11
N ARG A 94 -24.08 18.07 30.83
CA ARG A 94 -24.22 18.16 32.28
C ARG A 94 -23.00 18.84 32.88
N PHE A 95 -21.81 18.47 32.41
CA PHE A 95 -20.61 19.13 32.91
C PHE A 95 -20.62 20.61 32.55
N ALA A 96 -21.05 20.95 31.33
CA ALA A 96 -21.01 22.34 30.91
C ALA A 96 -21.81 23.24 31.86
N VAL A 97 -23.03 22.84 32.22
CA VAL A 97 -23.81 23.74 33.07
C VAL A 97 -23.32 23.70 34.51
N ASN A 98 -22.43 22.78 34.85
CA ASN A 98 -21.81 22.71 36.16
C ASN A 98 -20.37 23.20 36.16
N GLN A 99 -19.90 23.72 35.03
CA GLN A 99 -18.48 24.06 34.89
C GLN A 99 -18.01 24.99 36.01
N TYR A 100 -18.83 25.96 36.39
CA TYR A 100 -18.41 26.95 37.38
C TYR A 100 -18.16 26.34 38.75
N ARG A 101 -18.63 25.12 39.02
CA ARG A 101 -18.37 24.49 40.30
C ARG A 101 -17.03 23.76 40.36
N PHE A 102 -16.36 23.61 39.23
CA PHE A 102 -15.14 22.79 39.15
C PHE A 102 -14.00 23.60 38.55
N PRO A 103 -13.55 24.64 39.23
CA PRO A 103 -12.35 25.34 38.76
C PRO A 103 -11.19 24.37 38.71
N GLY A 104 -10.43 24.42 37.62
CA GLY A 104 -9.35 23.48 37.43
C GLY A 104 -9.71 22.18 36.74
N VAL A 105 -11.00 21.87 36.56
CA VAL A 105 -11.42 20.76 35.71
C VAL A 105 -11.83 21.35 34.37
N GLU A 106 -11.22 20.86 33.30
CA GLU A 106 -11.53 21.31 31.96
C GLU A 106 -12.24 20.20 31.19
N VAL A 107 -13.12 20.59 30.30
CA VAL A 107 -13.70 19.65 29.35
C VAL A 107 -13.09 19.99 28.00
N LYS A 108 -12.61 18.97 27.32
CA LYS A 108 -11.88 19.16 26.08
C LYS A 108 -12.37 18.17 25.05
N GLY A 109 -12.32 18.61 23.79
CA GLY A 109 -12.61 17.76 22.65
C GLY A 109 -11.35 17.53 21.84
N TYR A 110 -11.12 16.26 21.49
CA TYR A 110 -10.00 15.84 20.66
C TYR A 110 -10.56 15.19 19.41
N LYS A 111 -10.04 15.59 18.26
CA LYS A 111 -10.37 14.90 17.02
C LYS A 111 -9.61 13.59 16.95
N ARG A 112 -10.32 12.48 16.85
CA ARG A 112 -9.74 11.17 16.56
C ARG A 112 -10.07 10.80 15.12
N ARG A 113 -9.19 10.02 14.51
CA ARG A 113 -9.38 9.53 13.16
C ARG A 113 -10.36 8.34 13.15
N TYR A 114 -11.11 8.22 12.08
CA TYR A 114 -12.12 7.18 12.00
C TYR A 114 -12.10 6.55 10.61
N TYR A 115 -12.10 5.21 10.55
CA TYR A 115 -12.01 4.49 9.28
C TYR A 115 -13.30 3.70 9.05
N PRO A 116 -14.25 4.28 8.32
CA PRO A 116 -15.58 3.63 8.18
C PRO A 116 -15.53 2.28 7.51
N TYR A 117 -14.62 2.07 6.57
CA TYR A 117 -14.61 0.83 5.80
C TYR A 117 -13.56 -0.14 6.28
N GLY A 118 -12.87 0.17 7.38
CA GLY A 118 -12.16 -0.85 8.15
C GLY A 118 -11.12 -1.59 7.33
N SER A 119 -11.13 -2.91 7.47
CA SER A 119 -10.06 -3.78 6.96
C SER A 119 -9.94 -3.76 5.45
N ALA A 120 -10.95 -3.27 4.74
CA ALA A 120 -10.89 -3.20 3.29
C ALA A 120 -9.80 -2.28 2.79
N LEU A 121 -9.35 -1.31 3.61
CA LEU A 121 -8.39 -0.30 3.17
C LEU A 121 -7.18 -0.21 4.07
N THR A 122 -6.95 -1.21 4.93
CA THR A 122 -5.92 -1.10 5.96
C THR A 122 -4.56 -0.76 5.40
N HIS A 123 -4.05 -1.56 4.46
CA HIS A 123 -2.68 -1.35 4.02
C HIS A 123 -2.56 -0.12 3.14
N VAL A 124 -3.59 0.19 2.35
CA VAL A 124 -3.40 1.30 1.43
C VAL A 124 -3.66 2.64 2.11
N ILE A 125 -4.67 2.72 2.96
CA ILE A 125 -4.97 3.97 3.65
C ILE A 125 -4.10 4.11 4.87
N GLY A 126 -3.93 3.03 5.62
CA GLY A 126 -3.14 3.12 6.82
C GLY A 126 -4.00 3.63 7.97
N TYR A 127 -3.30 4.02 9.03
CA TYR A 127 -3.97 4.59 10.18
C TYR A 127 -3.03 5.62 10.78
N VAL A 128 -3.62 6.52 11.56
CA VAL A 128 -2.86 7.44 12.38
C VAL A 128 -3.01 6.94 13.81
N SER A 129 -1.96 7.09 14.61
CA SER A 129 -2.10 6.78 16.02
C SER A 129 -1.03 7.55 16.78
N LYS A 130 -0.94 7.26 18.10
CA LYS A 130 -0.17 8.09 19.03
C LYS A 130 1.27 8.24 18.59
N ILE A 131 1.75 9.49 18.57
CA ILE A 131 3.15 9.75 18.28
C ILE A 131 4.02 9.07 19.31
N ASN A 132 5.11 8.46 18.86
CA ASN A 132 6.11 7.92 19.78
C ASN A 132 7.45 8.59 19.52
N ASP A 133 8.45 8.15 20.29
CA ASP A 133 9.75 8.83 20.29
C ASP A 133 10.46 8.67 18.95
N LYS A 134 10.26 7.54 18.27
CA LYS A 134 10.79 7.44 16.92
C LYS A 134 10.11 8.43 15.99
N ASP A 135 8.82 8.69 16.20
CA ASP A 135 8.13 9.70 15.39
C ASP A 135 8.66 11.08 15.70
N VAL A 136 8.85 11.41 16.98
CA VAL A 136 9.49 12.67 17.36
C VAL A 136 10.84 12.82 16.64
N GLU A 137 11.70 11.81 16.75
CA GLU A 137 12.98 11.84 16.07
C GLU A 137 12.82 12.17 14.60
N ARG A 138 11.94 11.43 13.90
CA ARG A 138 11.78 11.63 12.47
C ARG A 138 11.26 13.05 12.17
N LEU A 139 10.33 13.54 12.99
CA LEU A 139 9.83 14.91 12.82
C LEU A 139 10.91 15.93 13.13
N ASN A 140 11.68 15.69 14.19
CA ASN A 140 12.72 16.63 14.56
C ASN A 140 13.81 16.67 13.50
N ASN A 141 14.29 15.49 13.11
CA ASN A 141 15.28 15.40 12.05
C ASN A 141 14.76 15.99 10.74
N ASP A 142 13.47 15.87 10.46
CA ASP A 142 12.92 16.50 9.26
C ASP A 142 12.63 17.98 9.44
N GLY A 143 12.87 18.53 10.63
CA GLY A 143 12.57 19.94 10.85
C GLY A 143 11.10 20.26 10.88
N LYS A 144 10.25 19.30 11.26
CA LYS A 144 8.80 19.51 11.32
C LYS A 144 8.27 19.61 12.75
N LEU A 145 9.13 19.47 13.75
CA LEU A 145 8.62 19.28 15.11
C LEU A 145 7.88 20.51 15.63
N ALA A 146 8.26 21.71 15.20
CA ALA A 146 7.57 22.92 15.68
C ALA A 146 6.07 22.87 15.39
N ASN A 147 5.70 22.33 14.23
CA ASN A 147 4.32 22.32 13.77
C ASN A 147 3.49 21.23 14.41
N TYR A 148 4.07 20.45 15.33
CA TYR A 148 3.36 19.39 16.03
C TYR A 148 3.21 19.70 17.52
N ALA A 149 3.32 20.99 17.89
CA ALA A 149 3.29 21.35 19.31
C ALA A 149 2.03 20.81 19.99
N ALA A 150 0.91 20.76 19.28
CA ALA A 150 -0.34 20.31 19.86
C ALA A 150 -0.84 19.03 19.20
N THR A 151 -0.07 18.46 18.30
CA THR A 151 -0.49 17.23 17.65
C THR A 151 0.05 16.04 18.42
N HIS A 152 -0.82 15.08 18.69
CA HIS A 152 -0.43 13.90 19.43
C HIS A 152 -0.54 12.59 18.64
N ASP A 153 -1.10 12.61 17.43
CA ASP A 153 -1.18 11.42 16.59
C ASP A 153 -0.56 11.71 15.22
N ILE A 154 -0.26 10.64 14.48
CA ILE A 154 0.49 10.78 13.24
C ILE A 154 0.23 9.57 12.35
N GLY A 155 0.22 9.80 11.04
CA GLY A 155 0.13 8.71 10.08
C GLY A 155 1.23 7.68 10.28
N LYS A 156 0.88 6.39 10.41
CA LYS A 156 1.91 5.38 10.64
C LYS A 156 2.17 4.44 9.46
N LEU A 157 1.28 4.39 8.47
CA LEU A 157 1.52 3.63 7.26
C LEU A 157 0.49 4.04 6.24
N GLY A 158 0.65 3.51 5.03
CA GLY A 158 -0.30 3.83 3.98
C GLY A 158 -0.25 5.30 3.60
N ILE A 159 -1.33 5.70 2.94
CA ILE A 159 -1.52 7.08 2.53
C ILE A 159 -1.43 8.02 3.73
N GLU A 160 -1.99 7.62 4.87
CA GLU A 160 -1.96 8.50 6.04
C GLU A 160 -0.52 8.86 6.40
N ARG A 161 0.41 7.92 6.22
CA ARG A 161 1.80 8.24 6.52
C ARG A 161 2.45 9.01 5.37
N TYR A 162 2.28 8.52 4.14
CA TYR A 162 3.03 9.10 3.03
C TYR A 162 2.64 10.54 2.82
N TYR A 163 1.36 10.87 2.99
CA TYR A 163 0.87 12.23 2.83
C TYR A 163 0.64 12.89 4.18
N GLU A 164 1.37 12.47 5.21
CA GLU A 164 1.23 13.06 6.54
C GLU A 164 1.37 14.58 6.48
N ASP A 165 2.37 15.07 5.75
CA ASP A 165 2.66 16.50 5.76
C ASP A 165 1.50 17.32 5.20
N VAL A 166 0.87 16.83 4.13
CA VAL A 166 -0.23 17.61 3.59
C VAL A 166 -1.52 17.36 4.37
N LEU A 167 -1.71 16.15 4.90
CA LEU A 167 -2.93 15.88 5.65
C LEU A 167 -2.96 16.61 6.98
N HIS A 168 -1.80 17.03 7.49
CA HIS A 168 -1.70 17.50 8.87
C HIS A 168 -2.17 18.93 9.06
N GLY A 169 -1.80 19.85 8.16
CA GLY A 169 -2.25 21.23 8.31
C GLY A 169 -1.26 22.06 9.10
N GLN A 170 -1.63 23.31 9.35
CA GLN A 170 -0.75 24.23 10.04
C GLN A 170 -1.28 24.51 11.43
N THR A 171 -0.40 24.34 12.42
CA THR A 171 -0.76 24.66 13.79
C THR A 171 -1.04 26.15 13.94
N GLY A 172 -2.08 26.47 14.71
CA GLY A 172 -2.37 27.82 15.11
C GLY A 172 -2.08 28.05 16.59
N TYR A 173 -2.58 29.17 17.10
CA TYR A 173 -2.34 29.46 18.51
C TYR A 173 -3.32 30.50 19.02
N GLU A 174 -3.36 30.62 20.34
CA GLU A 174 -4.22 31.57 21.01
C GLU A 174 -3.41 32.19 22.14
N GLU A 175 -3.71 33.46 22.43
CA GLU A 175 -3.24 34.12 23.65
C GLU A 175 -4.34 34.00 24.70
N VAL A 176 -4.00 33.48 25.88
CA VAL A 176 -4.99 33.28 26.92
C VAL A 176 -4.50 33.87 28.24
N GLU A 177 -5.42 34.45 29.00
CA GLU A 177 -5.09 35.02 30.30
C GLU A 177 -5.20 33.93 31.36
N VAL A 178 -4.18 33.83 32.21
CA VAL A 178 -4.21 32.92 33.36
C VAL A 178 -4.02 33.71 34.65
N ASN A 179 -4.70 33.28 35.71
CA ASN A 179 -4.57 33.87 37.03
C ASN A 179 -3.52 33.11 37.83
N ASN A 180 -3.34 33.51 39.09
CA ASN A 180 -2.59 32.69 40.02
C ASN A 180 -3.23 31.30 40.10
N ARG A 181 -2.41 30.30 40.42
CA ARG A 181 -2.73 28.88 40.29
C ARG A 181 -2.85 28.44 38.82
N GLY A 182 -2.75 29.36 37.87
CA GLY A 182 -2.64 29.01 36.46
C GLY A 182 -3.89 28.49 35.77
N ARG A 183 -5.04 29.08 36.04
CA ARG A 183 -6.29 28.64 35.42
C ARG A 183 -6.74 29.66 34.38
N VAL A 184 -7.29 29.16 33.26
CA VAL A 184 -7.59 30.00 32.10
C VAL A 184 -8.83 30.83 32.38
N ILE A 185 -8.69 32.14 32.25
CA ILE A 185 -9.77 33.08 32.45
C ILE A 185 -10.45 33.43 31.13
N ARG A 186 -9.67 33.86 30.14
CA ARG A 186 -10.19 34.49 28.94
C ARG A 186 -9.22 34.22 27.81
N GLN A 187 -9.73 34.30 26.58
CA GLN A 187 -8.90 34.21 25.39
C GLN A 187 -8.78 35.62 24.81
N LEU A 188 -7.54 36.09 24.66
CA LEU A 188 -7.30 37.43 24.16
C LEU A 188 -7.31 37.45 22.65
N LYS A 189 -6.48 36.63 22.03
CA LYS A 189 -6.32 36.62 20.59
C LYS A 189 -6.25 35.17 20.13
N GLU A 190 -6.67 34.92 18.88
CA GLU A 190 -6.64 33.56 18.34
C GLU A 190 -6.23 33.62 16.88
N VAL A 191 -5.07 33.03 16.57
CA VAL A 191 -4.67 32.83 15.17
C VAL A 191 -5.01 31.39 14.82
N PRO A 192 -6.13 31.13 14.18
CA PRO A 192 -6.62 29.76 14.08
C PRO A 192 -5.71 28.92 13.21
N PRO A 193 -5.75 27.60 13.36
CA PRO A 193 -4.92 26.74 12.53
C PRO A 193 -5.52 26.64 11.14
N GLN A 194 -4.73 26.13 10.22
CA GLN A 194 -5.22 25.79 8.89
C GLN A 194 -5.33 24.28 8.80
N ALA A 195 -6.52 23.79 8.42
CA ALA A 195 -6.75 22.36 8.32
C ALA A 195 -5.83 21.75 7.27
N GLY A 196 -5.51 20.48 7.44
CA GLY A 196 -4.81 19.77 6.40
C GLY A 196 -5.60 19.78 5.10
N HIS A 197 -4.88 19.67 4.00
CA HIS A 197 -5.54 19.55 2.71
C HIS A 197 -6.27 18.21 2.60
N ASP A 198 -7.46 18.24 1.99
CA ASP A 198 -8.13 17.02 1.61
C ASP A 198 -7.41 16.37 0.43
N ILE A 199 -7.45 15.04 0.39
CA ILE A 199 -6.71 14.26 -0.58
C ILE A 199 -7.71 13.40 -1.34
N TYR A 200 -7.64 13.45 -2.67
CA TYR A 200 -8.53 12.68 -3.54
C TYR A 200 -7.72 11.58 -4.20
N LEU A 201 -8.11 10.35 -3.93
CA LEU A 201 -7.37 9.18 -4.38
C LEU A 201 -8.01 8.58 -5.62
N THR A 202 -7.19 7.85 -6.37
CA THR A 202 -7.65 7.12 -7.54
C THR A 202 -8.42 5.85 -7.17
N LEU A 203 -8.42 5.44 -5.89
CA LEU A 203 -9.04 4.19 -5.49
C LEU A 203 -10.55 4.21 -5.70
N ASP A 204 -11.08 3.03 -6.03
CA ASP A 204 -12.52 2.82 -6.11
C ASP A 204 -12.90 1.96 -4.91
N LEU A 205 -13.60 2.58 -3.94
CA LEU A 205 -13.93 1.88 -2.70
C LEU A 205 -14.69 0.59 -2.99
N LYS A 206 -15.66 0.65 -3.90
CA LYS A 206 -16.50 -0.50 -4.17
C LYS A 206 -15.68 -1.66 -4.74
N LEU A 207 -14.78 -1.36 -5.68
CA LEU A 207 -13.88 -2.39 -6.21
C LEU A 207 -12.96 -2.94 -5.12
N GLN A 208 -12.48 -2.07 -4.22
CA GLN A 208 -11.59 -2.54 -3.17
C GLN A 208 -12.29 -3.51 -2.24
N GLN A 209 -13.56 -3.23 -1.91
CA GLN A 209 -14.29 -4.10 -1.00
C GLN A 209 -14.69 -5.39 -1.69
N TYR A 210 -15.10 -5.29 -2.95
CA TYR A 210 -15.31 -6.51 -3.73
C TYR A 210 -14.10 -7.42 -3.62
N ILE A 211 -12.90 -6.87 -3.89
CA ILE A 211 -11.72 -7.72 -3.96
C ILE A 211 -11.39 -8.30 -2.59
N GLU A 212 -11.45 -7.48 -1.54
CA GLU A 212 -11.15 -8.02 -0.21
C GLU A 212 -12.09 -9.16 0.12
N THR A 213 -13.39 -9.01 -0.20
CA THR A 213 -14.36 -10.07 0.07
C THR A 213 -14.08 -11.29 -0.80
N LEU A 214 -13.68 -11.07 -2.06
CA LEU A 214 -13.25 -12.17 -2.91
C LEU A 214 -12.13 -12.99 -2.29
N LEU A 215 -11.13 -12.31 -1.71
CA LEU A 215 -9.92 -12.99 -1.24
C LEU A 215 -10.17 -13.81 0.02
N ALA A 216 -11.16 -13.43 0.82
CA ALA A 216 -11.58 -14.21 2.00
C ALA A 216 -10.35 -14.52 2.84
N GLY A 217 -10.10 -15.77 3.19
CA GLY A 217 -9.04 -16.11 4.12
C GLY A 217 -7.78 -16.56 3.41
N SER A 218 -7.50 -15.94 2.29
CA SER A 218 -6.30 -16.22 1.52
C SER A 218 -5.22 -15.22 1.91
N ARG A 219 -3.98 -15.68 1.92
CA ARG A 219 -2.82 -14.80 1.88
C ARG A 219 -2.60 -14.40 0.43
N ALA A 220 -2.92 -13.15 0.10
CA ALA A 220 -2.98 -12.70 -1.28
C ALA A 220 -2.66 -11.23 -1.37
N ALA A 221 -2.33 -10.78 -2.58
CA ALA A 221 -2.23 -9.37 -2.92
C ALA A 221 -2.82 -9.14 -4.31
N VAL A 222 -3.50 -8.00 -4.48
CA VAL A 222 -4.09 -7.58 -5.73
C VAL A 222 -3.79 -6.11 -5.96
N VAL A 223 -3.29 -5.78 -7.14
CA VAL A 223 -3.14 -4.40 -7.59
C VAL A 223 -3.93 -4.25 -8.88
N VAL A 224 -4.95 -3.41 -8.86
CA VAL A 224 -5.72 -3.05 -10.04
C VAL A 224 -5.34 -1.62 -10.42
N THR A 225 -4.89 -1.41 -11.65
CA THR A 225 -4.57 -0.09 -12.14
C THR A 225 -5.36 0.25 -13.40
N ASP A 226 -5.41 1.55 -13.68
CA ASP A 226 -5.88 2.03 -14.97
C ASP A 226 -4.63 2.34 -15.77
N PRO A 227 -4.36 1.62 -16.87
CA PRO A 227 -3.12 1.85 -17.61
C PRO A 227 -3.08 3.20 -18.31
N ARG A 228 -4.24 3.77 -18.65
CA ARG A 228 -4.24 5.08 -19.29
C ARG A 228 -3.65 6.15 -18.38
N THR A 229 -3.81 5.98 -17.06
CA THR A 229 -3.36 6.95 -16.07
C THR A 229 -2.25 6.44 -15.16
N GLY A 230 -2.12 5.13 -14.99
CA GLY A 230 -1.29 4.61 -13.91
C GLY A 230 -1.93 4.74 -12.54
N GLY A 231 -3.20 5.12 -12.48
CA GLY A 231 -3.87 5.23 -11.20
C GLY A 231 -4.17 3.87 -10.62
N VAL A 232 -4.01 3.75 -9.31
CA VAL A 232 -4.32 2.52 -8.60
C VAL A 232 -5.79 2.56 -8.20
N LEU A 233 -6.59 1.65 -8.78
CA LEU A 233 -8.01 1.55 -8.47
C LEU A 233 -8.30 0.64 -7.31
N ALA A 234 -7.37 -0.24 -6.98
CA ALA A 234 -7.52 -1.15 -5.86
C ALA A 234 -6.13 -1.64 -5.50
N LEU A 235 -5.85 -1.72 -4.21
CA LEU A 235 -4.58 -2.26 -3.74
C LEU A 235 -4.91 -3.02 -2.46
N VAL A 236 -5.01 -4.33 -2.54
CA VAL A 236 -5.50 -5.15 -1.46
C VAL A 236 -4.42 -6.12 -1.06
N SER A 237 -4.22 -6.29 0.25
CA SER A 237 -3.40 -7.36 0.78
C SER A 237 -4.21 -8.08 1.85
N THR A 238 -4.31 -9.41 1.75
CA THR A 238 -5.07 -10.19 2.70
C THR A 238 -4.16 -11.24 3.33
N PRO A 239 -4.41 -11.63 4.58
CA PRO A 239 -5.44 -11.08 5.46
C PRO A 239 -5.12 -9.64 5.90
N SER A 240 -6.16 -8.90 6.27
CA SER A 240 -6.04 -7.53 6.72
C SER A 240 -6.37 -7.48 8.22
N TYR A 241 -6.80 -6.31 8.68
CA TYR A 241 -7.18 -6.11 10.08
C TYR A 241 -7.86 -4.75 10.15
N ASP A 242 -8.41 -4.45 11.33
CA ASP A 242 -9.17 -3.22 11.53
C ASP A 242 -8.20 -2.09 11.89
N PRO A 243 -8.02 -1.08 11.05
CA PRO A 243 -7.12 0.02 11.44
C PRO A 243 -7.62 0.80 12.64
N ASN A 244 -8.93 0.77 12.88
CA ASN A 244 -9.48 1.52 14.00
C ASN A 244 -8.90 1.04 15.33
N LEU A 245 -8.51 -0.23 15.38
CA LEU A 245 -7.84 -0.76 16.57
C LEU A 245 -6.70 0.13 17.03
N PHE A 246 -6.00 0.76 16.09
CA PHE A 246 -4.80 1.51 16.45
C PHE A 246 -5.07 2.96 16.84
N VAL A 247 -6.20 3.52 16.43
CA VAL A 247 -6.36 4.98 16.45
C VAL A 247 -6.32 5.52 17.88
N ASP A 248 -7.05 4.88 18.80
CA ASP A 248 -7.04 5.27 20.21
C ASP A 248 -6.17 4.34 21.03
N GLY A 249 -5.02 3.93 20.48
CA GLY A 249 -4.09 3.02 21.13
C GLY A 249 -4.53 1.58 21.04
N ILE A 250 -3.66 0.68 20.58
CA ILE A 250 -4.05 -0.71 20.41
C ILE A 250 -3.79 -1.47 21.70
N SER A 251 -4.72 -2.36 22.04
CA SER A 251 -4.51 -3.26 23.14
C SER A 251 -3.31 -4.15 22.88
N SER A 252 -2.49 -4.37 23.92
CA SER A 252 -1.37 -5.31 23.78
C SER A 252 -1.87 -6.71 23.46
N LYS A 253 -2.99 -7.13 24.05
CA LYS A 253 -3.63 -8.37 23.63
C LYS A 253 -3.90 -8.36 22.13
N ASP A 254 -4.52 -7.29 21.63
CA ASP A 254 -4.88 -7.21 20.21
C ASP A 254 -3.64 -7.07 19.34
N TYR A 255 -2.69 -6.23 19.74
CA TYR A 255 -1.51 -6.06 18.92
C TYR A 255 -0.68 -7.32 18.86
N SER A 256 -0.49 -7.98 20.00
CA SER A 256 0.22 -9.26 19.99
C SER A 256 -0.52 -10.30 19.14
N ALA A 257 -1.85 -10.21 19.08
CA ALA A 257 -2.59 -11.13 18.22
C ALA A 257 -2.26 -10.92 16.75
N LEU A 258 -1.90 -9.70 16.36
CA LEU A 258 -1.55 -9.45 14.97
C LEU A 258 -0.11 -9.85 14.67
N LEU A 259 0.82 -9.55 15.58
CA LEU A 259 2.20 -9.96 15.41
C LEU A 259 2.33 -11.48 15.37
N ASN A 260 1.60 -12.17 16.24
CA ASN A 260 1.73 -13.62 16.35
C ASN A 260 0.96 -14.36 15.28
N ASP A 261 0.12 -13.68 14.52
CA ASP A 261 -0.58 -14.31 13.42
C ASP A 261 0.43 -14.81 12.38
N PRO A 262 0.45 -16.10 12.07
CA PRO A 262 1.47 -16.60 11.12
C PRO A 262 1.16 -16.21 9.69
N ASN A 263 -0.09 -15.83 9.41
CA ASN A 263 -0.51 -15.27 8.14
C ASN A 263 -0.11 -13.81 7.96
N THR A 264 0.61 -13.23 8.93
CA THR A 264 1.23 -11.91 8.85
C THR A 264 0.32 -10.81 8.27
N PRO A 265 -0.81 -10.53 8.92
CA PRO A 265 -1.72 -9.49 8.37
C PRO A 265 -1.11 -8.09 8.34
N LEU A 266 0.00 -7.85 9.06
CA LEU A 266 0.63 -6.54 9.08
C LEU A 266 1.46 -6.27 7.82
N VAL A 267 1.82 -7.31 7.07
CA VAL A 267 2.56 -7.10 5.83
C VAL A 267 1.62 -6.58 4.76
N ASN A 268 2.04 -5.54 4.05
CA ASN A 268 1.39 -5.10 2.82
C ASN A 268 1.98 -5.98 1.71
N ARG A 269 1.26 -7.05 1.33
CA ARG A 269 1.84 -7.95 0.35
C ARG A 269 1.97 -7.29 -1.01
N ALA A 270 1.13 -6.30 -1.31
CA ALA A 270 1.12 -5.68 -2.63
C ALA A 270 2.41 -4.92 -2.90
N THR A 271 3.01 -4.34 -1.85
CA THR A 271 4.21 -3.52 -1.98
C THR A 271 5.41 -4.05 -1.21
N GLN A 272 5.20 -4.92 -0.24
CA GLN A 272 6.31 -5.52 0.48
C GLN A 272 6.43 -7.01 0.28
N GLY A 273 5.45 -7.65 -0.36
CA GLY A 273 5.56 -9.06 -0.66
C GLY A 273 6.55 -9.26 -1.78
N VAL A 274 7.56 -10.08 -1.54
CA VAL A 274 8.69 -10.25 -2.45
C VAL A 274 8.66 -11.69 -2.93
N TYR A 275 8.44 -11.89 -4.23
CA TYR A 275 8.21 -13.21 -4.79
C TYR A 275 8.96 -13.36 -6.11
N PRO A 276 9.38 -14.58 -6.45
CA PRO A 276 9.80 -14.83 -7.81
C PRO A 276 8.68 -14.47 -8.76
N PRO A 277 8.89 -13.55 -9.69
CA PRO A 277 7.80 -13.19 -10.59
C PRO A 277 7.47 -14.29 -11.58
N ALA A 278 8.35 -15.28 -11.75
CA ALA A 278 8.14 -16.44 -12.60
C ALA A 278 7.68 -16.01 -14.00
N SER A 279 6.79 -16.80 -14.60
CA SER A 279 6.57 -16.62 -16.02
C SER A 279 5.80 -15.35 -16.35
N THR A 280 5.32 -14.58 -15.35
CA THR A 280 4.73 -13.28 -15.66
C THR A 280 5.72 -12.38 -16.38
N VAL A 281 7.01 -12.58 -16.17
CA VAL A 281 8.02 -11.73 -16.79
C VAL A 281 8.19 -11.99 -18.28
N LYS A 282 7.70 -13.13 -18.79
CA LYS A 282 8.04 -13.53 -20.17
C LYS A 282 7.65 -12.51 -21.22
N PRO A 283 6.51 -11.82 -21.15
CA PRO A 283 6.24 -10.79 -22.18
C PRO A 283 7.29 -9.70 -22.22
N TYR A 284 7.80 -9.25 -21.06
CA TYR A 284 8.81 -8.19 -21.06
C TYR A 284 10.17 -8.71 -21.48
N VAL A 285 10.51 -9.96 -21.13
CA VAL A 285 11.72 -10.56 -21.67
C VAL A 285 11.64 -10.66 -23.18
N ALA A 286 10.47 -11.05 -23.69
CA ALA A 286 10.27 -11.15 -25.13
C ALA A 286 10.45 -9.80 -25.82
N VAL A 287 9.80 -8.76 -25.31
CA VAL A 287 10.01 -7.44 -25.90
C VAL A 287 11.49 -7.09 -25.86
N SER A 288 12.17 -7.43 -24.76
CA SER A 288 13.57 -7.07 -24.61
C SER A 288 14.44 -7.81 -25.62
N ALA A 289 14.16 -9.09 -25.84
CA ALA A 289 14.94 -9.88 -26.78
C ALA A 289 14.76 -9.38 -28.21
N LEU A 290 13.51 -9.21 -28.64
CA LEU A 290 13.23 -8.64 -29.96
C LEU A 290 13.94 -7.31 -30.13
N SER A 291 13.70 -6.38 -29.20
CA SER A 291 14.36 -5.07 -29.27
C SER A 291 15.87 -5.23 -29.35
N ALA A 292 16.42 -6.14 -28.56
CA ALA A 292 17.86 -6.36 -28.58
C ALA A 292 18.31 -7.14 -29.82
N GLY A 293 17.37 -7.59 -30.65
CA GLY A 293 17.68 -8.35 -31.84
C GLY A 293 18.11 -9.78 -31.60
N VAL A 294 18.10 -10.23 -30.35
CA VAL A 294 18.50 -11.60 -30.04
C VAL A 294 17.48 -12.61 -30.56
N ILE A 295 16.23 -12.17 -30.76
CA ILE A 295 15.23 -12.97 -31.45
C ILE A 295 14.48 -12.08 -32.43
N THR A 296 13.69 -12.75 -33.26
CA THR A 296 12.82 -12.19 -34.28
C THR A 296 11.46 -12.82 -34.03
N ARG A 297 10.40 -12.21 -34.59
CA ARG A 297 9.10 -12.87 -34.55
C ARG A 297 9.13 -14.26 -35.18
N ASN A 298 10.12 -14.58 -36.02
CA ASN A 298 10.16 -15.84 -36.75
C ASN A 298 11.15 -16.86 -36.17
N THR A 299 12.00 -16.45 -35.25
CA THR A 299 12.94 -17.36 -34.61
C THR A 299 12.21 -18.58 -34.06
N THR A 300 12.74 -19.77 -34.34
CA THR A 300 12.16 -20.99 -33.77
C THR A 300 13.25 -21.91 -33.26
N LEU A 301 12.85 -22.80 -32.35
CA LEU A 301 13.71 -23.88 -31.92
C LEU A 301 12.81 -25.03 -31.55
N PHE A 302 13.37 -26.23 -31.61
CA PHE A 302 12.64 -27.40 -31.19
C PHE A 302 12.89 -27.59 -29.70
N ASP A 303 11.81 -27.84 -28.95
CA ASP A 303 11.94 -28.04 -27.51
C ASP A 303 11.58 -29.47 -27.16
N PRO A 304 12.55 -30.25 -26.68
CA PRO A 304 12.28 -31.61 -26.20
C PRO A 304 11.77 -31.68 -24.77
N GLY A 305 11.46 -30.55 -24.14
CA GLY A 305 11.06 -30.51 -22.75
C GLY A 305 12.17 -30.13 -21.80
N TRP A 306 13.33 -29.78 -22.32
CA TRP A 306 14.48 -29.37 -21.52
C TRP A 306 15.37 -28.52 -22.41
N TRP A 307 16.42 -27.98 -21.81
CA TRP A 307 17.37 -27.16 -22.55
C TRP A 307 18.70 -27.26 -21.83
N GLN A 308 19.76 -27.56 -22.57
CA GLN A 308 21.07 -27.82 -22.00
C GLN A 308 21.92 -26.58 -22.18
N LEU A 309 22.62 -26.19 -21.11
CA LEU A 309 23.55 -25.09 -21.20
C LEU A 309 24.78 -25.51 -22.02
N PRO A 310 25.13 -24.78 -23.07
CA PRO A 310 26.31 -25.15 -23.88
C PRO A 310 27.56 -25.31 -23.02
N GLY A 311 28.43 -26.23 -23.46
CA GLY A 311 29.67 -26.44 -22.75
C GLY A 311 29.47 -26.92 -21.33
N SER A 312 28.35 -27.58 -21.08
CA SER A 312 28.04 -28.07 -19.75
C SER A 312 27.06 -29.20 -19.87
N GLU A 313 26.96 -29.99 -18.82
CA GLU A 313 25.99 -31.08 -18.77
C GLU A 313 24.69 -30.66 -18.08
N LYS A 314 24.59 -29.41 -17.62
CA LYS A 314 23.44 -28.95 -16.86
C LYS A 314 22.26 -28.74 -17.78
N ARG A 315 21.12 -29.35 -17.43
CA ARG A 315 19.89 -29.23 -18.20
C ARG A 315 18.81 -28.55 -17.37
N TYR A 316 18.03 -27.71 -18.02
CA TYR A 316 16.97 -26.94 -17.40
C TYR A 316 15.62 -27.40 -17.95
N ARG A 317 14.73 -27.80 -17.06
CA ARG A 317 13.49 -28.45 -17.48
C ARG A 317 12.42 -27.44 -17.88
N ASP A 318 11.61 -27.84 -18.85
CA ASP A 318 10.35 -27.18 -19.18
C ASP A 318 9.23 -27.80 -18.36
N TRP A 319 8.23 -26.98 -18.04
CA TRP A 319 7.09 -27.51 -17.32
C TRP A 319 6.42 -28.64 -18.08
N LYS A 320 6.47 -28.62 -19.41
CA LYS A 320 5.89 -29.68 -20.23
C LYS A 320 6.92 -30.79 -20.40
N LYS A 321 6.59 -31.99 -19.92
CA LYS A 321 7.57 -33.08 -19.79
C LYS A 321 8.31 -33.36 -21.10
N TRP A 322 7.55 -33.53 -22.19
CA TRP A 322 8.13 -33.88 -23.48
C TRP A 322 8.20 -32.70 -24.43
N GLY A 323 8.07 -31.48 -23.92
CA GLY A 323 8.31 -30.29 -24.71
C GLY A 323 7.11 -29.82 -25.51
N HIS A 324 7.27 -28.64 -26.08
CA HIS A 324 6.22 -27.99 -26.86
C HIS A 324 6.42 -28.15 -28.35
N GLY A 325 7.35 -29.01 -28.78
CA GLY A 325 7.67 -29.06 -30.19
C GLY A 325 8.30 -27.77 -30.67
N ARG A 326 7.86 -27.29 -31.82
CA ARG A 326 8.51 -26.15 -32.45
C ARG A 326 7.93 -24.86 -31.87
N LEU A 327 8.80 -23.94 -31.47
CA LEU A 327 8.36 -22.74 -30.76
C LEU A 327 8.96 -21.50 -31.39
N ASN A 328 8.11 -20.52 -31.70
CA ASN A 328 8.48 -19.11 -31.79
C ASN A 328 8.14 -18.41 -30.48
N VAL A 329 8.33 -17.09 -30.45
CA VAL A 329 8.03 -16.33 -29.24
C VAL A 329 6.51 -16.31 -28.97
N THR A 330 5.70 -16.22 -30.02
CA THR A 330 4.25 -16.15 -29.84
C THR A 330 3.72 -17.40 -29.15
N ARG A 331 4.09 -18.56 -29.67
CA ARG A 331 3.63 -19.82 -29.08
C ARG A 331 4.23 -20.05 -27.69
N SER A 332 5.44 -19.53 -27.45
CA SER A 332 6.07 -19.71 -26.15
C SER A 332 5.37 -18.89 -25.07
N LEU A 333 4.98 -17.66 -25.39
CA LEU A 333 4.13 -16.89 -24.48
C LEU A 333 2.81 -17.59 -24.25
N GLU A 334 2.15 -18.02 -25.34
CA GLU A 334 0.84 -18.65 -25.23
C GLU A 334 0.87 -19.82 -24.27
N GLU A 335 1.90 -20.64 -24.37
CA GLU A 335 2.00 -21.87 -23.59
C GLU A 335 2.96 -21.73 -22.43
N SER A 336 3.41 -20.50 -22.16
CA SER A 336 4.40 -20.24 -21.13
C SER A 336 5.56 -21.23 -21.25
N ALA A 337 6.06 -21.37 -22.47
CA ALA A 337 7.19 -22.25 -22.69
C ALA A 337 8.39 -21.74 -21.90
N ASP A 338 9.08 -22.67 -21.25
CA ASP A 338 10.31 -22.36 -20.54
C ASP A 338 11.53 -22.47 -21.43
N THR A 339 11.60 -23.56 -22.20
CA THR A 339 12.79 -23.84 -23.01
C THR A 339 13.12 -22.68 -23.91
N PHE A 340 12.11 -22.09 -24.56
CA PHE A 340 12.40 -20.97 -25.45
C PHE A 340 13.08 -19.84 -24.71
N PHE A 341 12.62 -19.51 -23.49
CA PHE A 341 13.17 -18.38 -22.75
C PHE A 341 14.49 -18.72 -22.06
N TYR A 342 14.70 -19.99 -21.66
CA TYR A 342 16.07 -20.40 -21.32
C TYR A 342 17.04 -19.95 -22.41
N GLN A 343 16.72 -20.26 -23.67
CA GLN A 343 17.60 -19.88 -24.79
C GLN A 343 17.74 -18.37 -24.90
N VAL A 344 16.64 -17.62 -24.76
CA VAL A 344 16.73 -16.17 -24.86
C VAL A 344 17.64 -15.61 -23.77
N ALA A 345 17.54 -16.16 -22.57
CA ALA A 345 18.41 -15.69 -21.49
C ALA A 345 19.88 -15.90 -21.84
N TYR A 346 20.24 -17.14 -22.19
CA TYR A 346 21.58 -17.46 -22.65
C TYR A 346 22.08 -16.43 -23.66
N ASP A 347 21.30 -16.19 -24.72
CA ASP A 347 21.76 -15.32 -25.80
C ASP A 347 21.84 -13.86 -25.38
N MET A 348 20.94 -13.42 -24.50
CA MET A 348 21.01 -12.04 -24.01
C MET A 348 22.23 -11.82 -23.11
N GLY A 349 22.50 -12.78 -22.23
CA GLY A 349 23.48 -12.61 -21.17
C GLY A 349 22.90 -11.78 -20.04
N ILE A 350 23.36 -12.02 -18.81
CA ILE A 350 22.78 -11.35 -17.66
C ILE A 350 22.87 -9.83 -17.81
N ASP A 351 23.95 -9.33 -18.42
CA ASP A 351 24.16 -7.89 -18.49
C ASP A 351 23.02 -7.21 -19.22
N ARG A 352 22.73 -7.67 -20.44
CA ARG A 352 21.64 -7.08 -21.22
C ARG A 352 20.28 -7.40 -20.61
N LEU A 353 20.11 -8.60 -20.07
CA LEU A 353 18.80 -9.00 -19.58
C LEU A 353 18.41 -8.21 -18.34
N SER A 354 19.37 -8.03 -17.43
CA SER A 354 19.11 -7.25 -16.23
C SER A 354 18.96 -5.78 -16.58
N GLU A 355 19.70 -5.29 -17.57
CA GLU A 355 19.56 -3.90 -17.96
C GLU A 355 18.16 -3.64 -18.50
N TRP A 356 17.67 -4.54 -19.35
CA TRP A 356 16.33 -4.37 -19.91
C TRP A 356 15.26 -4.53 -18.83
N MET A 357 15.40 -5.51 -17.95
CA MET A 357 14.37 -5.69 -16.93
C MET A 357 14.39 -4.54 -15.93
N GLY A 358 15.56 -3.93 -15.73
CA GLY A 358 15.63 -2.70 -14.97
C GLY A 358 14.81 -1.59 -15.61
N LYS A 359 14.88 -1.46 -16.92
CA LYS A 359 14.07 -0.45 -17.58
C LYS A 359 12.59 -0.69 -17.35
N PHE A 360 12.21 -1.94 -17.10
CA PHE A 360 10.81 -2.25 -16.80
C PHE A 360 10.46 -2.00 -15.34
N GLY A 361 11.43 -1.58 -14.52
CA GLY A 361 11.22 -1.27 -13.13
C GLY A 361 11.64 -2.36 -12.17
N TYR A 362 11.98 -3.54 -12.66
CA TYR A 362 12.32 -4.62 -11.74
C TYR A 362 13.58 -4.28 -10.96
N GLY A 363 13.62 -4.71 -9.69
CA GLY A 363 14.70 -4.36 -8.80
C GLY A 363 14.67 -2.93 -8.27
N HIS A 364 13.75 -2.08 -8.76
CA HIS A 364 13.64 -0.68 -8.39
C HIS A 364 12.32 -0.41 -7.69
N TYR A 365 12.34 0.55 -6.78
CA TYR A 365 11.10 1.08 -6.23
C TYR A 365 10.25 1.65 -7.36
N THR A 366 8.93 1.51 -7.21
CA THR A 366 8.06 1.80 -8.35
C THR A 366 7.76 3.28 -8.49
N GLY A 367 8.01 4.07 -7.46
CA GLY A 367 7.54 5.43 -7.39
C GLY A 367 6.18 5.61 -6.76
N ILE A 368 5.55 4.52 -6.30
CA ILE A 368 4.20 4.62 -5.75
C ILE A 368 4.25 5.45 -4.49
N ASP A 369 3.13 6.12 -4.18
CA ASP A 369 3.07 7.02 -3.04
C ASP A 369 2.59 6.29 -1.78
N LEU A 370 3.34 5.25 -1.43
CA LEU A 370 3.33 4.64 -0.12
C LEU A 370 4.78 4.48 0.35
N ALA A 371 5.00 4.58 1.66
CA ALA A 371 6.35 4.44 2.17
C ALA A 371 6.70 3.02 2.57
N GLU A 372 5.73 2.11 2.62
CA GLU A 372 6.03 0.69 2.85
C GLU A 372 6.21 0.03 1.49
N GLU A 373 7.47 -0.28 1.14
CA GLU A 373 7.78 -0.88 -0.15
C GLU A 373 9.14 -1.56 -0.07
N ARG A 374 9.25 -2.68 -0.77
CA ARG A 374 10.51 -3.35 -1.00
C ARG A 374 10.81 -3.35 -2.50
N SER A 375 12.11 -3.31 -2.81
CA SER A 375 12.60 -3.20 -4.19
C SER A 375 12.80 -4.54 -4.89
N GLY A 376 12.78 -5.65 -4.14
CA GLY A 376 13.06 -6.93 -4.77
C GLY A 376 14.50 -7.01 -5.25
N ASN A 377 14.72 -7.89 -6.24
CA ASN A 377 16.07 -8.09 -6.74
C ASN A 377 16.07 -8.43 -8.22
N MET A 378 16.60 -7.52 -9.02
CA MET A 378 16.96 -7.86 -10.39
C MET A 378 18.46 -8.17 -10.42
N PRO A 379 18.86 -9.45 -10.41
CA PRO A 379 20.27 -9.79 -10.22
C PRO A 379 21.15 -9.22 -11.33
N THR A 380 22.38 -8.87 -10.95
CA THR A 380 23.42 -8.45 -11.89
C THR A 380 24.74 -9.09 -11.48
N ARG A 381 25.75 -8.94 -12.34
CA ARG A 381 27.10 -9.40 -12.01
C ARG A 381 27.61 -8.71 -10.75
N GLU A 382 27.55 -7.36 -10.73
CA GLU A 382 28.05 -6.62 -9.59
C GLU A 382 27.31 -7.00 -8.31
N TRP A 383 26.01 -7.23 -8.42
CA TRP A 383 25.25 -7.58 -7.22
C TRP A 383 25.70 -8.94 -6.70
N LYS A 384 25.82 -9.95 -7.57
CA LYS A 384 26.24 -11.25 -7.09
C LYS A 384 27.64 -11.18 -6.50
N GLN A 385 28.51 -10.37 -7.10
CA GLN A 385 29.84 -10.20 -6.55
C GLN A 385 29.77 -9.62 -5.15
N LYS A 386 29.09 -8.47 -5.00
CA LYS A 386 29.01 -7.81 -3.71
C LYS A 386 28.28 -8.65 -2.67
N ARG A 387 27.27 -9.40 -3.09
CA ARG A 387 26.43 -10.07 -2.11
C ARG A 387 26.99 -11.43 -1.66
N PHE A 388 27.72 -12.14 -2.53
CA PHE A 388 28.19 -13.48 -2.18
C PHE A 388 29.69 -13.73 -2.38
N LYS A 389 30.46 -12.74 -2.83
CA LYS A 389 31.88 -12.87 -3.21
C LYS A 389 32.09 -13.63 -4.51
N LYS A 390 31.25 -14.62 -4.80
CA LYS A 390 31.44 -15.40 -6.02
C LYS A 390 31.11 -14.57 -7.25
N PRO A 391 31.76 -14.84 -8.38
CA PRO A 391 31.41 -14.16 -9.62
C PRO A 391 30.21 -14.83 -10.28
N TRP A 392 29.70 -14.16 -11.32
CA TRP A 392 28.51 -14.64 -12.01
C TRP A 392 28.87 -15.76 -12.96
N TYR A 393 28.14 -16.87 -12.86
CA TYR A 393 28.29 -18.00 -13.78
C TYR A 393 27.17 -17.98 -14.81
N GLN A 394 27.48 -18.51 -16.00
CA GLN A 394 26.49 -18.48 -17.08
C GLN A 394 25.20 -19.19 -16.69
N GLY A 395 25.31 -20.27 -15.91
CA GLY A 395 24.12 -20.99 -15.49
C GLY A 395 23.22 -20.17 -14.58
N ASP A 396 23.75 -19.11 -13.98
CA ASP A 396 22.91 -18.23 -13.19
C ASP A 396 21.99 -17.41 -14.07
N THR A 397 22.38 -17.17 -15.33
CA THR A 397 21.53 -16.40 -16.23
C THR A 397 20.25 -17.17 -16.58
N ILE A 398 20.33 -18.48 -16.73
CA ILE A 398 19.24 -19.22 -17.37
C ILE A 398 17.92 -19.09 -16.61
N PRO A 399 17.84 -19.34 -15.29
CA PRO A 399 16.54 -19.22 -14.61
C PRO A 399 15.99 -17.80 -14.60
N VAL A 400 16.85 -16.78 -14.70
CA VAL A 400 16.34 -15.43 -14.80
C VAL A 400 15.43 -15.30 -16.01
N GLY A 401 15.68 -16.10 -17.06
CA GLY A 401 14.84 -16.03 -18.25
C GLY A 401 13.38 -16.36 -18.00
N ILE A 402 13.09 -17.14 -16.95
CA ILE A 402 11.69 -17.46 -16.69
C ILE A 402 11.25 -16.87 -15.35
N GLY A 403 11.86 -15.76 -14.95
CA GLY A 403 11.47 -15.12 -13.72
C GLY A 403 11.82 -15.89 -12.47
N GLN A 404 12.79 -16.79 -12.53
CA GLN A 404 13.20 -17.50 -11.33
C GLN A 404 14.63 -17.17 -10.97
N GLY A 405 15.35 -18.11 -10.38
CA GLY A 405 16.74 -17.85 -10.06
C GLY A 405 16.82 -16.82 -8.96
N TYR A 406 17.67 -15.82 -9.15
CA TYR A 406 17.85 -14.77 -8.16
C TYR A 406 16.79 -13.67 -8.25
N TRP A 407 15.83 -13.82 -9.14
CA TRP A 407 14.92 -12.73 -9.49
C TRP A 407 13.74 -12.69 -8.52
N THR A 408 13.50 -11.54 -7.90
CA THR A 408 12.33 -11.38 -7.05
C THR A 408 11.70 -10.02 -7.34
N ALA A 409 10.37 -9.97 -7.21
CA ALA A 409 9.64 -8.74 -7.48
C ALA A 409 8.45 -8.64 -6.54
N THR A 410 7.92 -7.44 -6.44
CA THR A 410 6.71 -7.16 -5.72
C THR A 410 5.53 -7.09 -6.68
N PRO A 411 4.31 -7.34 -6.20
CA PRO A 411 3.14 -7.18 -7.08
C PRO A 411 2.99 -5.77 -7.59
N ILE A 412 3.44 -4.75 -6.85
CA ILE A 412 3.34 -3.40 -7.39
C ILE A 412 4.33 -3.21 -8.52
N GLN A 413 5.48 -3.89 -8.45
CA GLN A 413 6.45 -3.87 -9.55
C GLN A 413 5.92 -4.60 -10.77
N MET A 414 5.18 -5.70 -10.55
CA MET A 414 4.52 -6.40 -11.64
C MET A 414 3.50 -5.51 -12.31
N SER A 415 2.81 -4.68 -11.54
CA SER A 415 1.80 -3.80 -12.11
C SER A 415 2.45 -2.72 -12.95
N LYS A 416 3.58 -2.17 -12.50
CA LYS A 416 4.25 -1.14 -13.29
C LYS A 416 4.77 -1.72 -14.60
N ALA A 417 5.39 -2.90 -14.58
CA ALA A 417 5.90 -3.50 -15.82
C ALA A 417 4.77 -3.87 -16.77
N LEU A 418 3.68 -4.44 -16.25
CA LEU A 418 2.51 -4.71 -17.07
C LEU A 418 2.00 -3.46 -17.79
N MET A 419 1.98 -2.30 -17.11
CA MET A 419 1.44 -1.11 -17.75
C MET A 419 2.38 -0.60 -18.83
N ILE A 420 3.69 -0.65 -18.59
CA ILE A 420 4.66 -0.30 -19.62
C ILE A 420 4.38 -1.08 -20.91
N LEU A 421 4.13 -2.38 -20.78
CA LEU A 421 3.84 -3.20 -21.95
C LEU A 421 2.54 -2.77 -22.63
N ILE A 422 1.51 -2.46 -21.83
CA ILE A 422 0.25 -1.99 -22.39
C ILE A 422 0.46 -0.69 -23.17
N ASN A 423 1.33 0.19 -22.67
CA ASN A 423 1.54 1.50 -23.24
C ASN A 423 2.74 1.57 -24.16
N ASP A 424 3.19 0.42 -24.69
CA ASP A 424 4.24 0.38 -25.70
C ASP A 424 5.50 1.10 -25.23
N GLY A 425 5.87 0.83 -23.98
CA GLY A 425 7.09 1.38 -23.44
C GLY A 425 6.95 2.69 -22.70
N ILE A 426 5.80 3.36 -22.79
CA ILE A 426 5.53 4.55 -21.98
C ILE A 426 5.47 4.14 -20.52
N VAL A 427 6.29 4.78 -19.68
CA VAL A 427 6.39 4.42 -18.26
C VAL A 427 5.46 5.33 -17.46
N LYS A 428 4.41 4.75 -16.88
CA LYS A 428 3.52 5.49 -15.98
C LYS A 428 3.70 4.96 -14.56
N VAL A 429 4.04 5.84 -13.63
CA VAL A 429 4.24 5.44 -12.22
C VAL A 429 2.88 5.03 -11.64
N PRO A 430 2.79 3.92 -10.92
CA PRO A 430 1.53 3.59 -10.25
C PRO A 430 1.36 4.47 -9.01
N HIS A 431 0.24 5.17 -8.94
CA HIS A 431 0.06 6.13 -7.85
C HIS A 431 -1.39 6.10 -7.36
N LEU A 432 -1.56 6.47 -6.10
CA LEU A 432 -2.89 6.58 -5.50
C LEU A 432 -3.43 8.00 -5.50
N LEU A 433 -2.57 9.01 -5.54
CA LEU A 433 -3.04 10.38 -5.41
C LEU A 433 -3.66 10.83 -6.73
N MET A 434 -4.91 11.30 -6.67
CA MET A 434 -5.51 11.92 -7.83
C MET A 434 -5.34 13.44 -7.78
N SER A 435 -5.69 14.06 -6.66
CA SER A 435 -5.43 15.48 -6.47
C SER A 435 -5.53 15.81 -4.99
N THR A 436 -4.93 16.94 -4.62
CA THR A 436 -5.01 17.51 -3.29
C THR A 436 -5.88 18.76 -3.32
N ALA A 437 -6.68 18.95 -2.25
CA ALA A 437 -7.58 20.11 -2.20
C ALA A 437 -6.80 21.41 -2.06
N GLU A 438 -6.03 21.55 -0.97
CA GLU A 438 -5.09 22.65 -0.72
C GLU A 438 -5.74 23.94 -0.21
N ASP A 439 -6.90 24.35 -0.74
CA ASP A 439 -7.46 25.64 -0.36
C ASP A 439 -9.00 25.76 -0.35
N GLY A 440 -9.74 25.29 -1.36
CA GLY A 440 -9.34 24.39 -2.43
C GLY A 440 -8.78 24.91 -3.75
N LYS A 441 -7.47 25.14 -3.76
CA LYS A 441 -6.67 25.28 -4.98
C LYS A 441 -6.28 23.85 -5.37
N GLN A 442 -7.04 23.26 -6.28
CA GLN A 442 -6.86 21.84 -6.61
C GLN A 442 -5.55 21.63 -7.35
N VAL A 443 -4.74 20.70 -6.86
CA VAL A 443 -3.45 20.40 -7.46
C VAL A 443 -3.40 18.92 -7.83
N PRO A 444 -3.36 18.59 -9.12
CA PRO A 444 -3.30 17.19 -9.52
C PRO A 444 -1.90 16.61 -9.36
N TRP A 445 -1.88 15.29 -9.20
CA TRP A 445 -0.62 14.55 -9.13
C TRP A 445 0.12 14.64 -10.46
N VAL A 446 1.43 14.83 -10.39
CA VAL A 446 2.26 15.07 -11.57
C VAL A 446 3.16 13.85 -11.79
N GLN A 447 2.97 13.16 -12.92
CA GLN A 447 3.80 12.05 -13.33
C GLN A 447 5.25 12.52 -13.50
N PRO A 448 6.17 12.09 -12.63
CA PRO A 448 7.57 12.49 -12.79
C PRO A 448 8.12 12.02 -14.12
N HIS A 449 9.03 12.81 -14.68
CA HIS A 449 9.63 12.50 -15.96
C HIS A 449 10.32 11.14 -15.87
N GLU A 450 9.80 10.17 -16.59
CA GLU A 450 10.41 8.85 -16.67
C GLU A 450 10.52 8.46 -18.14
N PRO A 451 11.72 8.50 -18.72
CA PRO A 451 11.91 8.16 -20.14
C PRO A 451 11.28 6.83 -20.49
N PRO A 452 10.82 6.65 -21.74
CA PRO A 452 10.15 5.40 -22.10
C PRO A 452 11.14 4.25 -22.18
N VAL A 453 10.57 3.07 -22.30
CA VAL A 453 11.36 1.84 -22.48
C VAL A 453 11.41 1.53 -23.96
N GLY A 454 12.62 1.45 -24.51
CA GLY A 454 12.78 0.98 -25.88
C GLY A 454 12.16 1.92 -26.89
N ASP A 455 11.67 1.34 -27.98
CA ASP A 455 11.15 2.10 -29.11
C ASP A 455 9.64 1.98 -29.16
N ILE A 456 8.97 3.11 -28.99
CA ILE A 456 7.51 3.20 -29.04
C ILE A 456 6.98 2.65 -30.36
N HIS A 457 7.64 2.99 -31.47
CA HIS A 457 7.14 2.79 -32.82
C HIS A 457 7.57 1.46 -33.42
N SER A 458 7.93 0.50 -32.59
CA SER A 458 8.17 -0.87 -33.04
C SER A 458 6.91 -1.71 -32.84
N GLY A 459 6.94 -2.92 -33.40
CA GLY A 459 5.83 -3.84 -33.32
C GLY A 459 6.06 -4.96 -32.33
N TYR A 460 7.14 -4.90 -31.56
CA TYR A 460 7.39 -5.89 -30.52
C TYR A 460 6.32 -5.86 -29.43
N TRP A 461 5.88 -4.66 -29.04
CA TRP A 461 4.86 -4.54 -28.00
C TRP A 461 3.59 -5.29 -28.40
N GLU A 462 3.16 -5.11 -29.66
CA GLU A 462 1.98 -5.81 -30.14
C GLU A 462 2.22 -7.31 -30.14
N LEU A 463 3.42 -7.75 -30.52
CA LEU A 463 3.70 -9.18 -30.56
C LEU A 463 3.55 -9.81 -29.18
N ALA A 464 4.17 -9.19 -28.16
CA ALA A 464 4.09 -9.75 -26.80
C ALA A 464 2.65 -9.76 -26.29
N LYS A 465 1.90 -8.68 -26.53
CA LYS A 465 0.53 -8.65 -26.06
C LYS A 465 -0.34 -9.65 -26.83
N ASP A 466 -0.05 -9.89 -28.12
CA ASP A 466 -0.80 -10.92 -28.84
C ASP A 466 -0.59 -12.27 -28.21
N GLY A 467 0.62 -12.55 -27.73
CA GLY A 467 0.84 -13.77 -26.98
C GLY A 467 0.00 -13.83 -25.73
N MET A 468 -0.16 -12.67 -25.05
CA MET A 468 -0.99 -12.65 -23.85
C MET A 468 -2.45 -12.78 -24.20
N TYR A 469 -2.89 -12.13 -25.29
CA TYR A 469 -4.20 -12.45 -25.82
C TYR A 469 -4.32 -13.96 -26.02
N GLY A 470 -3.28 -14.58 -26.59
CA GLY A 470 -3.34 -16.00 -26.88
C GLY A 470 -3.42 -16.85 -25.63
N VAL A 471 -2.61 -16.51 -24.62
CA VAL A 471 -2.69 -17.16 -23.32
C VAL A 471 -4.14 -17.28 -22.84
N ALA A 472 -4.93 -16.23 -23.04
CA ALA A 472 -6.27 -16.16 -22.46
C ALA A 472 -7.35 -16.67 -23.39
N ASN A 473 -7.12 -16.66 -24.70
CA ASN A 473 -8.18 -16.93 -25.67
C ASN A 473 -7.94 -18.15 -26.55
N ARG A 474 -6.72 -18.36 -27.04
CA ARG A 474 -6.46 -19.47 -27.94
C ARG A 474 -6.49 -20.82 -27.21
N PRO A 475 -6.81 -21.90 -27.91
CA PRO A 475 -7.05 -23.17 -27.20
C PRO A 475 -5.81 -23.74 -26.54
N ASN A 476 -4.60 -23.46 -27.07
CA ASN A 476 -3.35 -23.89 -26.45
C ASN A 476 -2.92 -22.97 -25.31
N GLY A 477 -3.63 -21.87 -25.09
CA GLY A 477 -3.21 -20.93 -24.06
C GLY A 477 -3.41 -21.50 -22.67
N THR A 478 -2.44 -21.22 -21.80
CA THR A 478 -2.48 -21.77 -20.45
C THR A 478 -3.73 -21.31 -19.69
N ALA A 479 -4.26 -20.15 -20.03
CA ALA A 479 -5.33 -19.53 -19.23
C ALA A 479 -6.67 -19.56 -19.96
N HIS A 480 -6.80 -20.42 -20.96
CA HIS A 480 -8.02 -20.46 -21.76
C HIS A 480 -9.24 -20.83 -20.91
N LYS A 481 -9.06 -21.76 -19.98
CA LYS A 481 -10.18 -22.22 -19.16
C LYS A 481 -10.74 -21.11 -18.26
N TYR A 482 -10.02 -20.00 -18.09
CA TYR A 482 -10.45 -18.91 -17.22
C TYR A 482 -11.00 -17.73 -17.98
N PHE A 483 -10.47 -17.45 -19.17
CA PHE A 483 -10.69 -16.14 -19.77
C PHE A 483 -11.30 -16.20 -21.16
N ALA A 484 -11.32 -17.36 -21.81
CA ALA A 484 -11.69 -17.38 -23.22
C ALA A 484 -13.13 -16.94 -23.45
N SER A 485 -14.02 -17.29 -22.52
CA SER A 485 -15.45 -17.05 -22.66
C SER A 485 -15.89 -15.67 -22.22
N ALA A 486 -14.96 -14.78 -21.93
CA ALA A 486 -15.35 -13.43 -21.56
C ALA A 486 -15.77 -12.65 -22.79
N PRO A 487 -16.88 -11.93 -22.72
CA PRO A 487 -17.34 -11.14 -23.87
C PRO A 487 -16.29 -10.17 -24.37
N TYR A 488 -15.89 -9.26 -23.51
CA TYR A 488 -14.73 -8.42 -23.74
C TYR A 488 -13.50 -9.32 -23.89
N LYS A 489 -12.48 -8.81 -24.55
CA LYS A 489 -11.29 -9.62 -24.77
C LYS A 489 -10.30 -9.40 -23.62
N ILE A 490 -9.91 -10.50 -22.96
CA ILE A 490 -8.90 -10.51 -21.90
C ILE A 490 -7.56 -10.95 -22.46
N ALA A 491 -6.48 -10.25 -22.07
CA ALA A 491 -5.12 -10.73 -22.28
C ALA A 491 -4.48 -10.98 -20.92
N ALA A 492 -3.72 -12.07 -20.80
CA ALA A 492 -3.21 -12.47 -19.49
C ALA A 492 -1.86 -13.17 -19.61
N LYS A 493 -1.21 -13.34 -18.45
CA LYS A 493 0.01 -14.14 -18.31
C LYS A 493 0.15 -14.58 -16.86
N SER A 494 0.26 -15.89 -16.65
CA SER A 494 0.36 -16.46 -15.32
C SER A 494 1.81 -16.83 -15.00
N GLY A 495 2.02 -17.20 -13.74
CA GLY A 495 3.30 -17.72 -13.27
C GLY A 495 3.10 -18.52 -12.00
N THR A 496 4.09 -19.37 -11.70
CA THR A 496 4.08 -20.23 -10.52
C THR A 496 5.43 -20.12 -9.81
N ALA A 497 5.41 -19.90 -8.51
CA ALA A 497 6.61 -19.63 -7.72
C ALA A 497 6.81 -20.69 -6.65
N GLN A 498 8.02 -21.24 -6.59
CA GLN A 498 8.45 -22.19 -5.56
C GLN A 498 7.65 -23.48 -5.57
N ARG A 518 2.80 -25.00 -0.24
CA ARG A 518 2.54 -25.06 -1.67
C ARG A 518 3.35 -24.01 -2.46
N ASP A 519 2.85 -23.71 -3.65
CA ASP A 519 3.45 -22.73 -4.56
C ASP A 519 2.58 -21.49 -4.65
N HIS A 520 3.23 -20.33 -4.63
CA HIS A 520 2.53 -19.09 -4.96
C HIS A 520 2.01 -19.15 -6.38
N LYS A 521 0.79 -18.67 -6.58
CA LYS A 521 0.18 -18.64 -7.90
C LYS A 521 -0.04 -17.18 -8.28
N LEU A 522 0.54 -16.76 -9.40
CA LEU A 522 0.53 -15.38 -9.84
C LEU A 522 -0.26 -15.24 -11.12
N MET A 523 -0.81 -14.05 -11.36
CA MET A 523 -1.57 -13.79 -12.57
C MET A 523 -1.52 -12.31 -12.86
N THR A 524 -1.14 -11.96 -14.07
CA THR A 524 -1.29 -10.64 -14.65
C THR A 524 -2.31 -10.71 -15.79
N ALA A 525 -3.02 -9.61 -16.01
CA ALA A 525 -4.04 -9.59 -17.04
C ALA A 525 -4.46 -8.15 -17.26
N PHE A 526 -5.08 -7.91 -18.41
CA PHE A 526 -5.66 -6.61 -18.67
C PHE A 526 -6.85 -6.80 -19.61
N ALA A 527 -7.68 -5.75 -19.69
CA ALA A 527 -8.98 -5.87 -20.35
C ALA A 527 -9.50 -4.47 -20.60
N PRO A 528 -10.24 -4.26 -21.70
CA PRO A 528 -10.36 -5.25 -22.77
C PRO A 528 -9.15 -5.16 -23.70
N TYR A 529 -8.85 -6.23 -24.46
CA TYR A 529 -7.59 -6.24 -25.20
C TYR A 529 -7.50 -5.07 -26.16
N ASN A 530 -8.61 -4.71 -26.76
CA ASN A 530 -8.75 -3.58 -27.70
C ASN A 530 -8.10 -2.32 -27.17
N ASN A 531 -8.85 -1.59 -26.33
CA ASN A 531 -8.34 -0.41 -25.65
C ASN A 531 -8.36 -0.70 -24.16
N PRO A 532 -7.24 -1.14 -23.59
CA PRO A 532 -7.29 -1.62 -22.20
C PRO A 532 -7.65 -0.49 -21.24
N GLN A 533 -8.64 -0.77 -20.38
CA GLN A 533 -9.07 0.14 -19.31
C GLN A 533 -8.59 -0.25 -17.93
N VAL A 534 -8.19 -1.51 -17.73
CA VAL A 534 -7.81 -2.00 -16.41
C VAL A 534 -6.67 -3.02 -16.56
N ALA A 535 -5.69 -2.95 -15.66
CA ALA A 535 -4.59 -3.90 -15.56
C ALA A 535 -4.54 -4.44 -14.14
N VAL A 536 -4.27 -5.73 -13.98
CA VAL A 536 -4.36 -6.40 -12.68
C VAL A 536 -3.12 -7.28 -12.55
N ALA A 537 -2.35 -7.08 -11.48
CA ALA A 537 -1.34 -8.03 -11.05
C ALA A 537 -1.80 -8.58 -9.71
N MET A 538 -1.81 -9.90 -9.57
CA MET A 538 -2.24 -10.51 -8.32
C MET A 538 -1.46 -11.77 -8.05
N ILE A 539 -1.47 -12.18 -6.78
CA ILE A 539 -0.78 -13.39 -6.37
C ILE A 539 -1.54 -13.98 -5.19
N LEU A 540 -1.81 -15.29 -5.26
CA LEU A 540 -2.32 -16.06 -4.12
C LEU A 540 -1.17 -16.89 -3.58
N GLU A 541 -0.78 -16.63 -2.33
CA GLU A 541 0.26 -17.41 -1.70
C GLU A 541 -0.22 -18.85 -1.49
N ASN A 542 0.54 -19.81 -2.01
CA ASN A 542 0.28 -21.25 -1.84
C ASN A 542 -1.10 -21.64 -2.37
N GLY A 543 -1.53 -21.01 -3.47
CA GLY A 543 -2.77 -21.33 -4.14
C GLY A 543 -4.02 -20.72 -3.54
N GLY A 544 -3.90 -19.97 -2.45
CA GLY A 544 -5.06 -19.39 -1.80
C GLY A 544 -5.92 -20.39 -1.05
N ALA A 545 -6.84 -19.90 -0.23
CA ALA A 545 -7.69 -20.74 0.61
C ALA A 545 -8.93 -21.25 -0.11
N GLY A 546 -9.10 -20.93 -1.39
CA GLY A 546 -10.25 -21.39 -2.14
C GLY A 546 -9.94 -21.57 -3.61
N PRO A 547 -10.51 -20.69 -4.45
CA PRO A 547 -10.39 -20.84 -5.90
C PRO A 547 -8.96 -20.72 -6.43
N ALA A 548 -8.85 -20.78 -7.75
CA ALA A 548 -7.57 -20.59 -8.42
C ALA A 548 -7.42 -19.12 -8.78
N VAL A 549 -6.16 -18.69 -8.89
CA VAL A 549 -5.89 -17.29 -9.18
C VAL A 549 -6.50 -16.91 -10.51
N GLY A 550 -6.62 -17.87 -11.43
CA GLY A 550 -7.26 -17.59 -12.71
C GLY A 550 -8.74 -17.31 -12.56
N THR A 551 -9.43 -18.10 -11.73
CA THR A 551 -10.85 -17.85 -11.49
C THR A 551 -11.06 -16.49 -10.81
N LEU A 552 -10.28 -16.21 -9.76
CA LEU A 552 -10.44 -14.92 -9.09
C LEU A 552 -10.16 -13.78 -10.03
N MET A 553 -9.19 -13.95 -10.94
CA MET A 553 -8.89 -12.89 -11.89
C MET A 553 -10.05 -12.69 -12.86
N ARG A 554 -10.68 -13.78 -13.30
CA ARG A 554 -11.83 -13.64 -14.18
C ARG A 554 -12.99 -12.93 -13.47
N GLN A 555 -13.24 -13.29 -12.21
CA GLN A 555 -14.30 -12.63 -11.45
C GLN A 555 -14.03 -11.14 -11.32
N ILE A 556 -12.78 -10.77 -10.99
CA ILE A 556 -12.46 -9.34 -10.81
C ILE A 556 -12.65 -8.59 -12.12
N LEU A 557 -12.22 -9.19 -13.23
CA LEU A 557 -12.34 -8.47 -14.49
C LEU A 557 -13.80 -8.41 -14.94
N ASP A 558 -14.56 -9.47 -14.65
CA ASP A 558 -16.01 -9.44 -14.88
C ASP A 558 -16.66 -8.32 -14.09
N HIS A 559 -16.42 -8.29 -12.77
CA HIS A 559 -16.99 -7.25 -11.92
C HIS A 559 -16.70 -5.87 -12.47
N ILE A 560 -15.47 -5.63 -12.92
CA ILE A 560 -15.10 -4.30 -13.38
C ILE A 560 -15.81 -3.96 -14.68
N MET A 561 -15.90 -4.91 -15.60
CA MET A 561 -16.47 -4.66 -16.91
C MET A 561 -17.96 -5.00 -16.98
N LEU A 562 -18.46 -5.76 -16.01
CA LEU A 562 -19.86 -6.16 -15.93
C LEU A 562 -20.25 -6.82 -17.25
#